data_4WZZ
#
_entry.id   4WZZ
#
_cell.length_a   87.625
_cell.length_b   87.625
_cell.length_c   83.982
_cell.angle_alpha   90.000
_cell.angle_beta   90.000
_cell.angle_gamma   90.000
#
_symmetry.space_group_name_H-M   'P 43 21 2'
#
loop_
_entity.id
_entity.type
_entity.pdbx_description
1 polymer 'Putative sugar ABC transporter, substrate-binding protein'
2 non-polymer alpha-L-rhamnopyranose
3 non-polymer 1,2-ETHANEDIOL
4 water water
#
_entity_poly.entity_id   1
_entity_poly.type   'polypeptide(L)'
_entity_poly.pdbx_seq_one_letter_code
;(MSE)HHHHHHSSGVDLGTENLYFQS(MSE)GCSSKTDNTSSNKAKTPTTAATTGGDGYATTATYAIIVKSAGNPYNQKE
SEGYKQVIEANGGKCVIQEPKSATAEDQITCINNAISQGVDCIAIAANDTDALEPALTEAKNQGIHVLSLDSATNANSRK
VFVNQAGTTQIAQAL(MSE)DAILDISGGSGDWAVLSAASTATNQNAWIDG(MSE)KTV(MSE)QDSKYSKLNLIGVYYG
DDEYQASCDQTEAILAADPNIKVICAPTTVGI(MSE)AAAKVLQDKGLSGKVKLTGLGLPSE(MSE)ADYIGDDDQHSCP
Y(MSE)FLWNPIQLGNLAAYASISLVNGTITGAADQSFTVPDKTLGDNGSYKITAAADGGTEIILGAPFKFEPSNIAEWA
KVY
;
_entity_poly.pdbx_strand_id   A
#
loop_
_chem_comp.id
_chem_comp.type
_chem_comp.name
_chem_comp.formula
EDO non-polymer 1,2-ETHANEDIOL 'C2 H6 O2'
RAM L-saccharide, alpha linking alpha-L-rhamnopyranose 'C6 H12 O5'
#
# COMPACT_ATOMS: atom_id res chain seq x y z
N TYR A 51 -12.26 -13.24 -19.97
CA TYR A 51 -10.98 -13.21 -19.27
C TYR A 51 -10.08 -14.43 -19.48
N ALA A 52 -10.50 -15.35 -20.35
CA ALA A 52 -9.64 -16.51 -20.63
C ALA A 52 -8.31 -16.01 -21.15
N THR A 53 -7.22 -16.62 -20.70
CA THR A 53 -5.89 -16.20 -21.12
C THR A 53 -4.99 -17.41 -21.08
N THR A 54 -3.97 -17.42 -21.92
CA THR A 54 -2.91 -18.42 -21.77
C THR A 54 -1.54 -17.78 -21.58
N ALA A 55 -1.54 -16.49 -21.24
CA ALA A 55 -0.32 -15.73 -21.16
C ALA A 55 0.37 -15.93 -19.82
N THR A 56 1.58 -15.38 -19.72
CA THR A 56 2.37 -15.48 -18.50
C THR A 56 2.53 -14.10 -17.86
N TYR A 57 2.21 -14.02 -16.58
CA TYR A 57 2.13 -12.73 -15.89
C TYR A 57 3.05 -12.75 -14.69
N ALA A 58 4.00 -11.81 -14.65
CA ALA A 58 4.91 -11.64 -13.51
C ALA A 58 4.39 -10.56 -12.58
N ILE A 59 4.25 -10.88 -11.28
CA ILE A 59 3.99 -9.84 -10.30
C ILE A 59 5.24 -9.69 -9.46
N ILE A 60 5.68 -8.45 -9.35
CA ILE A 60 6.86 -8.10 -8.58
C ILE A 60 6.40 -7.21 -7.46
N VAL A 61 6.35 -7.76 -6.25
CA VAL A 61 5.88 -6.98 -5.12
C VAL A 61 7.03 -6.11 -4.60
N LYS A 62 6.79 -5.30 -3.57
CA LYS A 62 7.86 -4.44 -3.07
C LYS A 62 9.01 -5.25 -2.47
N SER A 63 8.69 -6.26 -1.68
CA SER A 63 9.72 -6.95 -0.92
C SER A 63 9.26 -8.24 -0.27
N ALA A 64 10.25 -9.07 0.03
CA ALA A 64 10.07 -10.28 0.85
C ALA A 64 9.78 -9.91 2.30
N GLY A 65 9.22 -10.87 3.04
CA GLY A 65 9.14 -10.76 4.47
C GLY A 65 8.00 -9.86 4.90
N ASN A 66 7.02 -9.66 4.04
CA ASN A 66 5.89 -8.76 4.33
C ASN A 66 4.57 -9.46 3.99
N PRO A 67 3.80 -9.84 4.99
CA PRO A 67 2.57 -10.59 4.73
C PRO A 67 1.58 -9.86 3.83
N TYR A 68 1.57 -8.53 3.87
CA TYR A 68 0.69 -7.76 3.01
C TYR A 68 1.02 -8.08 1.55
N ASN A 69 2.31 -8.13 1.23
CA ASN A 69 2.72 -8.41 -0.15
C ASN A 69 2.38 -9.83 -0.57
N GLN A 70 2.44 -10.76 0.36
CA GLN A 70 2.07 -12.14 0.05
C GLN A 70 0.58 -12.28 -0.25
N LYS A 71 -0.26 -11.50 0.44
CA LYS A 71 -1.70 -11.57 0.21
C LYS A 71 -2.02 -10.93 -1.14
N GLU A 72 -1.31 -9.86 -1.46
CA GLU A 72 -1.44 -9.20 -2.75
C GLU A 72 -1.08 -10.16 -3.88
N SER A 73 0.05 -10.83 -3.74
CA SER A 73 0.50 -11.72 -4.80
C SER A 73 -0.40 -12.97 -4.90
N GLU A 74 -0.94 -13.43 -3.77
CA GLU A 74 -1.88 -14.54 -3.74
C GLU A 74 -3.14 -14.23 -4.57
N GLY A 75 -3.68 -13.03 -4.36
CA GLY A 75 -4.88 -12.60 -5.05
C GLY A 75 -4.62 -12.47 -6.54
N TYR A 76 -3.42 -12.00 -6.89
CA TYR A 76 -3.06 -11.82 -8.29
C TYR A 76 -2.95 -13.19 -8.96
N LYS A 77 -2.20 -14.08 -8.34
CA LYS A 77 -1.99 -15.43 -8.85
C LYS A 77 -3.31 -16.18 -8.98
N GLN A 78 -4.18 -16.01 -8.00
CA GLN A 78 -5.43 -16.76 -7.99
C GLN A 78 -6.24 -16.46 -9.25
N VAL A 79 -6.36 -15.19 -9.59
CA VAL A 79 -7.16 -14.78 -10.75
C VAL A 79 -6.48 -15.15 -12.07
N ILE A 80 -5.16 -14.94 -12.14
CA ILE A 80 -4.43 -15.29 -13.35
C ILE A 80 -4.59 -16.78 -13.68
N GLU A 81 -4.37 -17.61 -12.68
CA GLU A 81 -4.44 -19.06 -12.83
C GLU A 81 -5.87 -19.55 -13.09
N ALA A 82 -6.84 -18.95 -12.41
CA ALA A 82 -8.23 -19.36 -12.59
C ALA A 82 -8.64 -19.19 -14.03
N ASN A 83 -8.03 -18.23 -14.71
CA ASN A 83 -8.42 -17.92 -16.08
C ASN A 83 -7.48 -18.48 -17.14
N GLY A 84 -6.54 -19.31 -16.68
CA GLY A 84 -5.73 -20.12 -17.58
C GLY A 84 -4.30 -19.61 -17.78
N GLY A 85 -3.97 -18.49 -17.16
CA GLY A 85 -2.61 -17.99 -17.32
C GLY A 85 -1.63 -18.60 -16.35
N LYS A 86 -0.36 -18.28 -16.56
CA LYS A 86 0.71 -18.67 -15.65
C LYS A 86 1.11 -17.43 -14.88
N CYS A 87 1.32 -17.58 -13.57
CA CYS A 87 1.77 -16.46 -12.75
C CYS A 87 3.11 -16.76 -12.10
N VAL A 88 4.02 -15.82 -12.24
CA VAL A 88 5.32 -15.92 -11.58
C VAL A 88 5.42 -14.79 -10.58
N ILE A 89 5.61 -15.13 -9.31
CA ILE A 89 5.74 -14.12 -8.25
C ILE A 89 7.21 -13.91 -7.92
N GLN A 90 7.62 -12.66 -7.75
CA GLN A 90 8.94 -12.34 -7.25
C GLN A 90 8.85 -11.37 -6.09
N GLU A 91 9.67 -11.68 -5.09
CA GLU A 91 9.79 -10.89 -3.87
C GLU A 91 11.22 -10.35 -3.80
N PRO A 92 11.39 -9.04 -4.06
CA PRO A 92 12.74 -8.46 -3.91
C PRO A 92 13.28 -8.67 -2.49
N LYS A 93 14.59 -8.92 -2.40
CA LYS A 93 15.23 -9.18 -1.10
C LYS A 93 14.97 -8.06 -0.11
N SER A 94 15.02 -6.82 -0.60
N SER A 94 15.04 -6.82 -0.59
CA SER A 94 14.75 -5.65 0.21
CA SER A 94 14.72 -5.66 0.22
C SER A 94 13.87 -4.68 -0.60
C SER A 94 13.87 -4.69 -0.59
N ALA A 95 13.24 -3.74 0.09
CA ALA A 95 12.31 -2.82 -0.56
C ALA A 95 13.02 -1.66 -1.24
N THR A 96 13.97 -2.01 -2.11
CA THR A 96 14.77 -1.03 -2.82
C THR A 96 14.61 -1.16 -4.33
N ALA A 97 14.93 -0.07 -5.03
CA ALA A 97 14.93 -0.07 -6.49
C ALA A 97 15.91 -1.10 -7.05
N GLU A 98 17.12 -1.14 -6.50
CA GLU A 98 18.14 -2.07 -6.97
C GLU A 98 17.66 -3.51 -6.98
N ASP A 99 17.06 -3.97 -5.88
CA ASP A 99 16.64 -5.37 -5.82
C ASP A 99 15.46 -5.64 -6.75
N GLN A 100 14.65 -4.62 -6.99
CA GLN A 100 13.54 -4.75 -7.92
C GLN A 100 13.95 -4.84 -9.38
N ILE A 101 14.97 -4.08 -9.75
CA ILE A 101 15.47 -4.10 -11.09
C ILE A 101 15.96 -5.49 -11.43
N THR A 102 16.61 -6.14 -10.48
CA THR A 102 17.05 -7.51 -10.68
C THR A 102 15.84 -8.40 -11.03
N CYS A 103 14.72 -8.20 -10.33
CA CYS A 103 13.51 -8.98 -10.60
C CYS A 103 12.91 -8.63 -11.96
N ILE A 104 12.91 -7.36 -12.32
CA ILE A 104 12.37 -6.97 -13.62
C ILE A 104 13.17 -7.66 -14.69
N ASN A 105 14.48 -7.62 -14.54
CA ASN A 105 15.35 -8.24 -15.52
C ASN A 105 15.14 -9.74 -15.63
N ASN A 106 14.85 -10.40 -14.50
CA ASN A 106 14.56 -11.82 -14.51
C ASN A 106 13.26 -12.08 -15.28
N ALA A 107 12.25 -11.23 -15.05
CA ALA A 107 10.98 -11.40 -15.74
C ALA A 107 11.15 -11.26 -17.24
N ILE A 108 11.91 -10.25 -17.67
CA ILE A 108 12.15 -10.05 -19.10
C ILE A 108 12.82 -11.30 -19.66
N SER A 109 13.86 -11.76 -18.96
CA SER A 109 14.63 -12.93 -19.36
C SER A 109 13.74 -14.17 -19.52
N GLN A 110 12.69 -14.27 -18.71
CA GLN A 110 11.80 -15.41 -18.80
C GLN A 110 10.81 -15.28 -19.95
N GLY A 111 10.73 -14.09 -20.54
CA GLY A 111 9.86 -13.86 -21.69
C GLY A 111 8.40 -13.81 -21.32
N VAL A 112 8.11 -13.22 -20.16
CA VAL A 112 6.73 -13.06 -19.72
C VAL A 112 5.99 -12.08 -20.64
N ASP A 113 4.66 -12.12 -20.57
CA ASP A 113 3.81 -11.29 -21.40
C ASP A 113 3.40 -9.99 -20.71
N CYS A 114 3.42 -10.01 -19.38
CA CYS A 114 2.93 -8.90 -18.59
C CYS A 114 3.71 -8.83 -17.29
N ILE A 115 4.02 -7.62 -16.86
CA ILE A 115 4.62 -7.36 -15.55
C ILE A 115 3.70 -6.43 -14.76
N ALA A 116 3.37 -6.83 -13.54
CA ALA A 116 2.62 -5.99 -12.62
C ALA A 116 3.57 -5.68 -11.49
N ILE A 117 3.81 -4.40 -11.24
CA ILE A 117 4.83 -4.04 -10.26
C ILE A 117 4.38 -3.02 -9.23
N ALA A 118 4.77 -3.28 -7.97
CA ALA A 118 4.57 -2.37 -6.85
C ALA A 118 5.90 -1.69 -6.59
N ALA A 119 6.01 -0.44 -7.02
CA ALA A 119 7.30 0.22 -7.14
C ALA A 119 7.94 0.62 -5.85
N ASN A 120 9.23 0.33 -5.73
CA ASN A 120 10.03 0.78 -4.59
C ASN A 120 10.63 2.16 -4.81
N ASP A 121 10.49 2.67 -6.02
CA ASP A 121 10.97 4.00 -6.38
C ASP A 121 10.18 4.41 -7.60
N THR A 122 9.82 5.69 -7.67
CA THR A 122 8.88 6.13 -8.67
C THR A 122 9.55 6.18 -10.05
N ASP A 123 10.85 6.47 -10.06
CA ASP A 123 11.58 6.77 -11.31
C ASP A 123 12.70 5.80 -11.68
N ALA A 124 13.32 5.19 -10.69
CA ALA A 124 14.51 4.36 -10.89
C ALA A 124 14.25 3.12 -11.72
N LEU A 125 13.00 2.68 -11.76
CA LEU A 125 12.65 1.47 -12.51
C LEU A 125 12.42 1.73 -13.99
N GLU A 126 12.47 3.00 -14.39
CA GLU A 126 11.99 3.37 -15.71
C GLU A 126 12.82 2.72 -16.83
N PRO A 127 14.15 2.70 -16.69
CA PRO A 127 14.89 2.07 -17.79
C PRO A 127 14.55 0.58 -17.96
N ALA A 128 14.49 -0.18 -16.87
CA ALA A 128 14.22 -1.60 -16.99
C ALA A 128 12.81 -1.86 -17.51
N LEU A 129 11.85 -1.05 -17.05
CA LEU A 129 10.47 -1.23 -17.45
C LEU A 129 10.26 -0.78 -18.88
N THR A 130 11.02 0.22 -19.30
CA THR A 130 10.97 0.63 -20.70
C THR A 130 11.53 -0.48 -21.58
N GLU A 131 12.62 -1.11 -21.14
CA GLU A 131 13.19 -2.24 -21.87
C GLU A 131 12.15 -3.36 -21.98
N ALA A 132 11.40 -3.60 -20.90
CA ALA A 132 10.33 -4.59 -20.92
C ALA A 132 9.32 -4.22 -22.00
N LYS A 133 8.93 -2.95 -22.02
CA LYS A 133 7.96 -2.48 -23.00
C LYS A 133 8.52 -2.65 -24.40
N ASN A 134 9.81 -2.37 -24.59
CA ASN A 134 10.45 -2.51 -25.90
C ASN A 134 10.43 -3.96 -26.39
N GLN A 135 10.35 -4.92 -25.46
CA GLN A 135 10.30 -6.35 -25.80
C GLN A 135 8.85 -6.82 -25.98
N GLY A 136 7.91 -5.88 -25.92
CA GLY A 136 6.50 -6.20 -26.11
C GLY A 136 5.78 -6.61 -24.84
N ILE A 137 6.38 -6.35 -23.69
CA ILE A 137 5.73 -6.69 -22.42
C ILE A 137 4.82 -5.58 -21.88
N HIS A 138 3.58 -5.95 -21.59
CA HIS A 138 2.64 -5.03 -20.96
C HIS A 138 3.09 -4.74 -19.55
N VAL A 139 3.24 -3.46 -19.21
CA VAL A 139 3.59 -3.11 -17.83
C VAL A 139 2.41 -2.44 -17.12
N LEU A 140 2.04 -3.00 -15.97
CA LEU A 140 0.98 -2.47 -15.12
C LEU A 140 1.62 -2.24 -13.74
N SER A 141 1.10 -1.29 -12.99
CA SER A 141 1.62 -1.06 -11.65
C SER A 141 0.46 -1.21 -10.68
N LEU A 142 0.76 -1.65 -9.45
CA LEU A 142 -0.23 -1.75 -8.38
C LEU A 142 0.42 -1.39 -7.05
N ASP A 143 -0.42 -0.97 -6.09
CA ASP A 143 -0.02 -0.76 -4.68
C ASP A 143 0.84 0.49 -4.53
N SER A 144 1.93 0.54 -5.28
CA SER A 144 2.84 1.68 -5.25
C SER A 144 3.26 1.97 -6.70
N ALA A 145 2.98 3.19 -7.14
CA ALA A 145 3.06 3.49 -8.58
C ALA A 145 4.48 3.69 -9.09
N THR A 146 4.76 3.12 -10.27
CA THR A 146 5.88 3.58 -11.07
C THR A 146 5.40 4.89 -11.69
N ASN A 147 6.32 5.63 -12.28
CA ASN A 147 5.88 6.88 -12.91
C ASN A 147 4.99 6.63 -14.13
N ALA A 148 4.43 7.70 -14.72
CA ALA A 148 3.44 7.55 -15.79
C ALA A 148 4.05 7.01 -17.09
N ASN A 149 5.33 7.25 -17.28
CA ASN A 149 6.05 6.81 -18.47
C ASN A 149 6.49 5.35 -18.40
N SER A 150 6.31 4.75 -17.22
CA SER A 150 6.80 3.40 -16.96
C SER A 150 5.68 2.36 -16.90
N ARG A 151 4.47 2.74 -17.25
CA ARG A 151 3.30 1.86 -17.08
C ARG A 151 2.18 2.20 -18.05
N LYS A 152 1.25 1.27 -18.23
CA LYS A 152 0.05 1.57 -19.00
C LYS A 152 -1.08 2.02 -18.08
N VAL A 153 -1.03 1.60 -16.80
CA VAL A 153 -2.05 1.98 -15.84
C VAL A 153 -1.58 1.62 -14.43
N PHE A 154 -2.10 2.34 -13.43
CA PHE A 154 -1.83 2.05 -12.01
C PHE A 154 -3.10 1.57 -11.34
N VAL A 155 -2.97 0.50 -10.56
CA VAL A 155 -4.11 -0.02 -9.81
C VAL A 155 -3.91 0.39 -8.38
N ASN A 156 -4.75 1.33 -7.94
CA ASN A 156 -4.62 1.99 -6.62
C ASN A 156 -5.64 1.42 -5.65
N GLN A 157 -5.18 1.04 -4.45
CA GLN A 157 -6.02 0.45 -3.41
C GLN A 157 -7.15 1.37 -2.97
N ALA A 158 -6.90 2.67 -2.99
CA ALA A 158 -7.90 3.65 -2.57
C ALA A 158 -7.47 4.98 -3.10
N GLY A 159 -8.36 5.97 -3.13
CA GLY A 159 -7.94 7.30 -3.49
C GLY A 159 -6.83 7.79 -2.55
N THR A 160 -5.76 8.34 -3.11
CA THR A 160 -4.67 8.86 -2.30
C THR A 160 -5.18 9.85 -1.24
N THR A 161 -6.05 10.76 -1.69
CA THR A 161 -6.65 11.71 -0.78
C THR A 161 -7.50 11.07 0.31
N GLN A 162 -8.23 10.02 -0.06
CA GLN A 162 -9.08 9.36 0.91
C GLN A 162 -8.26 8.79 2.07
N ILE A 163 -7.11 8.22 1.75
CA ILE A 163 -6.22 7.66 2.78
C ILE A 163 -5.67 8.79 3.64
N ALA A 164 -5.21 9.87 3.00
CA ALA A 164 -4.66 10.99 3.75
C ALA A 164 -5.68 11.63 4.69
N GLN A 165 -6.90 11.79 4.20
CA GLN A 165 -7.95 12.41 4.96
C GLN A 165 -8.36 11.53 6.13
N ALA A 166 -8.48 10.23 5.90
CA ALA A 166 -8.83 9.30 6.97
C ALA A 166 -7.78 9.38 8.07
N LEU A 167 -6.51 9.35 7.68
CA LEU A 167 -5.44 9.39 8.65
C LEU A 167 -5.39 10.69 9.43
N MSE A 168 -5.55 11.82 8.75
CA MSE A 168 -5.50 13.11 9.46
C MSE A 168 -6.64 13.21 10.45
O MSE A 168 -6.44 13.67 11.57
CB MSE A 168 -5.51 14.31 8.52
CG MSE A 168 -4.19 14.56 7.80
SE MSE A 168 -2.61 14.60 8.99
CE MSE A 168 -3.29 15.80 10.38
H MSE A 168 -5.68 11.88 7.89
HA MSE A 168 -4.65 13.14 9.96
HB2 MSE A 168 -6.19 14.16 7.84
HB3 MSE A 168 -5.72 15.10 9.03
HG2 MSE A 168 -4.05 13.85 7.15
HG3 MSE A 168 -4.24 15.41 7.34
HE1 MSE A 168 -2.62 15.92 11.05
HE2 MSE A 168 -3.51 16.65 9.97
HE3 MSE A 168 -4.08 15.42 10.77
N ASP A 169 -7.83 12.78 10.04
CA ASP A 169 -8.98 12.83 10.96
C ASP A 169 -8.76 11.88 12.12
N ALA A 170 -8.13 10.72 11.88
CA ALA A 170 -7.79 9.81 12.96
C ALA A 170 -6.84 10.46 13.94
N ILE A 171 -5.79 11.09 13.43
CA ILE A 171 -4.83 11.75 14.33
C ILE A 171 -5.53 12.82 15.16
N LEU A 172 -6.37 13.62 14.51
CA LEU A 172 -7.06 14.70 15.20
C LEU A 172 -7.93 14.16 16.33
N ASP A 173 -8.62 13.06 16.05
CA ASP A 173 -9.51 12.42 17.02
C ASP A 173 -8.71 11.82 18.17
N ILE A 174 -7.77 10.95 17.82
CA ILE A 174 -7.05 10.16 18.79
C ILE A 174 -6.15 11.03 19.70
N SER A 175 -5.63 12.14 19.17
CA SER A 175 -4.77 13.04 19.93
C SER A 175 -5.59 13.84 20.93
N GLY A 176 -6.90 13.87 20.79
CA GLY A 176 -7.74 14.77 21.57
C GLY A 176 -7.87 16.17 20.98
N GLY A 177 -7.28 16.39 19.80
CA GLY A 177 -7.46 17.64 19.09
C GLY A 177 -6.22 18.51 19.00
N SER A 178 -5.15 18.12 19.68
CA SER A 178 -3.91 18.90 19.69
C SER A 178 -2.74 18.01 20.05
N GLY A 179 -1.55 18.48 19.76
CA GLY A 179 -0.35 17.79 20.18
C GLY A 179 0.57 17.38 19.06
N ASP A 180 1.70 16.81 19.46
CA ASP A 180 2.73 16.40 18.52
C ASP A 180 2.43 15.02 17.97
N TRP A 181 2.76 14.80 16.70
CA TRP A 181 2.62 13.50 16.13
C TRP A 181 3.76 13.29 15.13
N ALA A 182 3.99 12.04 14.76
CA ALA A 182 5.05 11.69 13.84
C ALA A 182 4.59 10.63 12.85
N VAL A 183 5.24 10.60 11.69
CA VAL A 183 5.01 9.55 10.72
C VAL A 183 6.15 8.53 10.78
N LEU A 184 5.78 7.26 10.86
CA LEU A 184 6.72 6.16 10.67
C LEU A 184 6.35 5.56 9.33
N SER A 185 7.18 5.87 8.34
CA SER A 185 6.92 5.42 6.97
C SER A 185 7.67 4.12 6.67
N ALA A 186 7.61 3.71 5.41
CA ALA A 186 8.36 2.56 4.92
C ALA A 186 9.66 3.06 4.27
N ALA A 187 9.99 2.64 3.05
CA ALA A 187 11.17 3.17 2.37
C ALA A 187 10.94 4.63 2.03
N SER A 188 11.99 5.43 2.11
CA SER A 188 11.91 6.85 1.79
C SER A 188 11.61 7.11 0.31
N THR A 189 11.82 6.08 -0.53
CA THR A 189 11.57 6.19 -1.95
C THR A 189 10.22 5.61 -2.39
N ALA A 190 9.47 5.01 -1.47
CA ALA A 190 8.25 4.31 -1.83
C ALA A 190 7.20 5.30 -2.29
N THR A 191 6.74 5.10 -3.52
CA THR A 191 5.78 6.03 -4.10
C THR A 191 4.53 6.17 -3.28
N ASN A 192 3.97 5.04 -2.83
CA ASN A 192 2.69 5.13 -2.11
C ASN A 192 2.80 5.87 -0.79
N GLN A 193 3.73 5.49 0.08
CA GLN A 193 3.84 6.24 1.33
C GLN A 193 4.12 7.69 1.05
N ASN A 194 4.98 7.97 0.08
CA ASN A 194 5.30 9.37 -0.18
C ASN A 194 4.05 10.15 -0.63
N ALA A 195 3.19 9.51 -1.42
CA ALA A 195 1.94 10.14 -1.86
C ALA A 195 0.97 10.35 -0.71
N TRP A 196 0.86 9.37 0.18
CA TRP A 196 0.01 9.51 1.36
C TRP A 196 0.52 10.60 2.28
N ILE A 197 1.83 10.64 2.46
CA ILE A 197 2.44 11.64 3.34
C ILE A 197 2.26 13.03 2.74
N ASP A 198 2.47 13.17 1.43
CA ASP A 198 2.22 14.45 0.80
C ASP A 198 0.76 14.84 0.93
N GLY A 199 -0.12 13.85 0.77
CA GLY A 199 -1.54 14.08 0.95
C GLY A 199 -1.85 14.57 2.35
N MSE A 200 -1.25 13.95 3.37
CA MSE A 200 -1.51 14.33 4.75
C MSE A 200 -1.04 15.76 4.96
O MSE A 200 -1.70 16.55 5.65
CB MSE A 200 -0.81 13.37 5.72
CG MSE A 200 -1.50 12.06 5.80
SE MSE A 200 -0.66 11.01 7.26
CE MSE A 200 0.53 9.92 6.18
H MSE A 200 -0.68 13.31 3.28
HA MSE A 200 -2.47 14.28 4.92
HB2 MSE A 200 0.10 13.22 5.42
HB3 MSE A 200 -0.80 13.76 6.61
HG2 MSE A 200 -2.44 12.19 6.01
HG3 MSE A 200 -1.39 11.58 4.97
HE1 MSE A 200 1.03 9.34 6.75
HE2 MSE A 200 0.01 9.41 5.55
HE3 MSE A 200 1.13 10.51 5.70
N LYS A 201 0.09 16.11 4.39
CA LYS A 201 0.63 17.44 4.59
C LYS A 201 -0.25 18.48 3.95
N THR A 202 -0.86 18.14 2.82
CA THR A 202 -1.84 19.05 2.22
C THR A 202 -3.11 19.16 3.08
N VAL A 203 -3.67 18.03 3.49
CA VAL A 203 -4.89 18.01 4.29
C VAL A 203 -4.69 18.79 5.59
N MSE A 204 -3.52 18.61 6.21
CA MSE A 204 -3.32 19.16 7.54
C MSE A 204 -3.19 20.70 7.57
O MSE A 204 -3.06 21.26 8.66
CB MSE A 204 -2.09 18.52 8.20
CG MSE A 204 -0.80 19.13 7.74
SE MSE A 204 0.76 18.12 8.41
CE MSE A 204 2.13 19.43 7.99
H MSE A 204 -2.85 18.18 5.89
HA MSE A 204 -4.09 18.92 8.09
HB2 MSE A 204 -2.15 18.64 9.17
HB3 MSE A 204 -2.07 17.57 7.99
HG2 MSE A 204 -0.78 19.12 6.76
HG3 MSE A 204 -0.75 20.05 8.06
HE1 MSE A 204 2.98 19.08 8.26
HE2 MSE A 204 2.12 19.59 7.04
HE3 MSE A 204 1.93 20.24 8.46
N GLN A 205 -3.24 21.35 6.41
CA GLN A 205 -3.19 22.81 6.36
C GLN A 205 -4.52 23.39 6.80
N ASP A 206 -5.57 22.57 6.77
CA ASP A 206 -6.90 23.03 7.14
C ASP A 206 -6.90 23.51 8.59
N SER A 207 -7.62 24.61 8.85
CA SER A 207 -7.58 25.19 10.20
C SER A 207 -8.03 24.21 11.29
N LYS A 208 -8.80 23.19 10.93
CA LYS A 208 -9.23 22.22 11.96
C LYS A 208 -8.07 21.46 12.59
N TYR A 209 -6.93 21.40 11.89
CA TYR A 209 -5.76 20.66 12.36
C TYR A 209 -4.69 21.58 12.95
N SER A 210 -5.03 22.83 13.23
CA SER A 210 -4.01 23.84 13.49
C SER A 210 -3.26 23.63 14.82
N LYS A 211 -3.85 22.89 15.74
CA LYS A 211 -3.21 22.59 17.04
C LYS A 211 -2.41 21.31 17.05
N LEU A 212 -2.37 20.60 15.92
CA LEU A 212 -1.50 19.44 15.75
C LEU A 212 -0.15 19.90 15.24
N ASN A 213 0.91 19.19 15.62
CA ASN A 213 2.23 19.51 15.12
C ASN A 213 2.93 18.24 14.64
N LEU A 214 3.21 18.16 13.34
CA LEU A 214 3.94 17.06 12.76
C LEU A 214 5.43 17.25 13.01
N ILE A 215 6.03 16.37 13.80
CA ILE A 215 7.44 16.53 14.16
C ILE A 215 8.38 16.07 13.07
N GLY A 216 7.90 15.18 12.21
CA GLY A 216 8.70 14.72 11.10
C GLY A 216 8.37 13.33 10.65
N VAL A 217 9.10 12.89 9.64
CA VAL A 217 8.91 11.60 9.00
C VAL A 217 10.13 10.73 9.23
N TYR A 218 9.88 9.53 9.74
CA TYR A 218 10.91 8.52 10.00
C TYR A 218 10.71 7.33 9.06
N TYR A 219 11.79 6.66 8.69
CA TYR A 219 11.68 5.57 7.70
C TYR A 219 12.10 4.21 8.26
N GLY A 220 11.14 3.28 8.25
CA GLY A 220 11.36 1.94 8.74
C GLY A 220 11.57 0.90 7.66
N ASP A 221 11.53 1.34 6.39
CA ASP A 221 11.94 0.51 5.23
C ASP A 221 11.12 -0.74 5.00
N ASP A 222 9.93 -0.81 5.57
CA ASP A 222 9.12 -2.01 5.50
C ASP A 222 9.84 -3.24 6.09
N GLU A 223 10.68 -2.98 7.08
CA GLU A 223 11.40 -4.02 7.81
C GLU A 223 11.01 -3.93 9.27
N TYR A 224 10.75 -5.09 9.87
CA TYR A 224 10.35 -5.16 11.26
C TYR A 224 11.38 -4.51 12.19
N GLN A 225 12.62 -4.94 12.13
CA GLN A 225 13.62 -4.47 13.10
C GLN A 225 13.88 -2.97 12.91
N ALA A 226 14.06 -2.53 11.67
CA ALA A 226 14.27 -1.12 11.42
C ALA A 226 13.06 -0.31 11.89
N SER A 227 11.87 -0.84 11.72
CA SER A 227 10.68 -0.10 12.14
C SER A 227 10.57 -0.03 13.67
N CYS A 228 10.97 -1.09 14.36
CA CYS A 228 11.04 -1.05 15.83
C CYS A 228 12.05 0.00 16.27
N ASP A 229 13.23 -0.02 15.65
CA ASP A 229 14.30 0.91 16.00
C ASP A 229 13.86 2.36 15.79
N GLN A 230 13.19 2.63 14.68
CA GLN A 230 12.72 3.98 14.39
C GLN A 230 11.60 4.41 15.34
N THR A 231 10.78 3.48 15.79
CA THR A 231 9.77 3.81 16.80
C THR A 231 10.47 4.28 18.06
N GLU A 232 11.52 3.58 18.49
CA GLU A 232 12.28 4.01 19.68
C GLU A 232 12.90 5.38 19.45
N ALA A 233 13.36 5.63 18.22
CA ALA A 233 13.96 6.92 17.87
C ALA A 233 12.93 8.05 17.95
N ILE A 234 11.72 7.77 17.46
CA ILE A 234 10.61 8.73 17.57
C ILE A 234 10.37 9.09 19.06
N LEU A 235 10.28 8.08 19.90
CA LEU A 235 9.98 8.26 21.31
C LEU A 235 11.10 9.02 22.03
N ALA A 236 12.34 8.78 21.65
CA ALA A 236 13.47 9.46 22.26
C ALA A 236 13.50 10.93 21.84
N ALA A 237 13.12 11.19 20.59
CA ALA A 237 13.18 12.54 20.05
C ALA A 237 12.08 13.40 20.62
N ASP A 238 10.92 12.80 20.87
N ASP A 238 10.94 12.79 20.90
CA ASP A 238 9.81 13.55 21.44
CA ASP A 238 9.78 13.52 21.39
C ASP A 238 8.99 12.62 22.32
C ASP A 238 8.94 12.64 22.32
N PRO A 239 9.36 12.51 23.59
CA PRO A 239 8.64 11.67 24.56
C PRO A 239 7.21 12.14 24.76
N ASN A 240 6.91 13.42 24.46
CA ASN A 240 5.55 13.93 24.69
C ASN A 240 4.67 13.73 23.48
N ILE A 241 5.15 12.96 22.53
CA ILE A 241 4.35 12.67 21.34
C ILE A 241 3.01 12.04 21.71
N LYS A 242 1.96 12.44 21.01
CA LYS A 242 0.62 11.94 21.30
C LYS A 242 0.22 10.78 20.39
N VAL A 243 0.62 10.84 19.11
CA VAL A 243 0.21 9.87 18.12
C VAL A 243 1.37 9.57 17.18
N ILE A 244 1.56 8.28 16.90
CA ILE A 244 2.40 7.82 15.80
C ILE A 244 1.45 7.35 14.69
N CYS A 245 1.66 7.88 13.50
CA CYS A 245 0.92 7.46 12.32
C CYS A 245 1.87 6.66 11.45
N ALA A 246 1.56 5.38 11.27
CA ALA A 246 2.41 4.45 10.53
C ALA A 246 1.68 3.92 9.28
N PRO A 247 1.83 4.61 8.14
CA PRO A 247 1.10 4.19 6.92
C PRO A 247 1.84 3.06 6.18
N THR A 248 2.07 1.98 6.90
CA THR A 248 2.77 0.80 6.40
C THR A 248 2.40 -0.35 7.31
N THR A 249 1.99 -1.47 6.74
CA THR A 249 1.55 -2.58 7.56
C THR A 249 2.68 -3.11 8.44
N VAL A 250 3.91 -3.09 7.94
CA VAL A 250 5.04 -3.54 8.71
C VAL A 250 5.34 -2.54 9.84
N GLY A 251 5.39 -1.26 9.50
CA GLY A 251 5.69 -0.25 10.48
C GLY A 251 4.70 -0.18 11.62
N ILE A 252 3.41 -0.27 11.28
CA ILE A 252 2.41 -0.13 12.34
C ILE A 252 2.48 -1.31 13.31
N MSE A 253 2.69 -2.51 12.80
N MSE A 253 2.69 -2.51 12.83
CA MSE A 253 2.82 -3.71 13.64
CA MSE A 253 2.74 -3.62 13.78
C MSE A 253 4.02 -3.58 14.56
C MSE A 253 4.04 -3.61 14.59
O MSE A 253 3.95 -3.90 15.75
O MSE A 253 4.06 -4.01 15.76
CB MSE A 253 2.96 -4.97 12.79
CB MSE A 253 2.42 -4.97 13.13
CG MSE A 253 3.19 -6.26 13.59
CG MSE A 253 3.31 -5.43 12.00
SE MSE A 253 1.78 -6.56 14.87
SE MSE A 253 4.94 -6.29 12.58
CE MSE A 253 1.65 -8.48 15.03
CE MSE A 253 4.54 -6.67 14.44
H MSE A 253 2.77 -2.67 11.95
H MSE A 253 2.81 -2.72 12.00
HA MSE A 253 2.01 -3.80 14.18
HA MSE A 253 2.02 -3.46 14.42
HB2 MSE A 253 2.14 -5.09 12.27
HB2 MSE A 253 2.46 -5.65 13.82
HB3 MSE A 253 3.71 -4.86 12.19
HB3 MSE A 253 1.52 -4.93 12.78
HG2 MSE A 253 3.21 -7.02 12.97
HG2 MSE A 253 2.81 -6.08 11.47
HG3 MSE A 253 4.03 -6.19 14.07
HG3 MSE A 253 3.55 -4.67 11.46
HE1 MSE A 253 0.97 -8.71 15.66
HE1 MSE A 253 5.30 -7.11 14.85
HE2 MSE A 253 1.44 -8.86 14.17
HE2 MSE A 253 4.36 -5.84 14.90
HE3 MSE A 253 2.50 -8.83 15.34
HE3 MSE A 253 3.78 -7.25 14.49
N ALA A 254 5.13 -3.09 14.00
CA ALA A 254 6.37 -2.95 14.74
C ALA A 254 6.21 -1.89 15.83
N ALA A 255 5.62 -0.75 15.48
CA ALA A 255 5.40 0.31 16.46
C ALA A 255 4.51 -0.21 17.58
N ALA A 256 3.46 -0.96 17.22
CA ALA A 256 2.57 -1.50 18.25
C ALA A 256 3.32 -2.37 19.26
N LYS A 257 4.21 -3.19 18.75
CA LYS A 257 5.01 -4.08 19.57
C LYS A 257 5.88 -3.28 20.54
N VAL A 258 6.54 -2.25 20.02
CA VAL A 258 7.38 -1.39 20.84
C VAL A 258 6.55 -0.66 21.91
N LEU A 259 5.42 -0.08 21.53
CA LEU A 259 4.62 0.66 22.51
C LEU A 259 4.10 -0.29 23.60
N GLN A 260 3.75 -1.50 23.21
CA GLN A 260 3.30 -2.48 24.21
C GLN A 260 4.45 -2.85 25.13
N ASP A 261 5.62 -3.15 24.56
CA ASP A 261 6.75 -3.57 25.39
C ASP A 261 7.17 -2.47 26.37
N LYS A 262 7.06 -1.22 25.95
CA LYS A 262 7.47 -0.11 26.81
C LYS A 262 6.37 0.35 27.77
N GLY A 263 5.19 -0.24 27.68
CA GLY A 263 4.13 0.11 28.61
C GLY A 263 3.48 1.45 28.31
N LEU A 264 3.53 1.87 27.03
CA LEU A 264 3.12 3.21 26.65
C LEU A 264 1.73 3.32 26.01
N SER A 265 0.99 2.21 25.95
CA SER A 265 -0.25 2.15 25.17
C SER A 265 -1.31 3.11 25.67
N GLY A 266 -1.21 3.50 26.94
CA GLY A 266 -2.14 4.46 27.50
C GLY A 266 -1.76 5.91 27.26
N LYS A 267 -0.51 6.15 26.84
CA LYS A 267 0.02 7.50 26.67
C LYS A 267 0.31 7.91 25.22
N VAL A 268 0.84 6.98 24.43
CA VAL A 268 1.12 7.25 23.04
C VAL A 268 0.23 6.34 22.23
N LYS A 269 -0.59 6.94 21.38
CA LYS A 269 -1.51 6.20 20.58
C LYS A 269 -0.96 6.03 19.17
N LEU A 270 -1.54 5.07 18.48
CA LEU A 270 -1.02 4.59 17.21
C LEU A 270 -2.17 4.47 16.22
N THR A 271 -1.96 4.96 15.00
CA THR A 271 -2.85 4.66 13.90
C THR A 271 -2.01 4.51 12.63
N GLY A 272 -2.69 4.28 11.52
CA GLY A 272 -2.01 4.01 10.26
C GLY A 272 -2.72 3.03 9.38
N LEU A 273 -1.92 2.29 8.63
CA LEU A 273 -2.39 1.34 7.60
C LEU A 273 -1.86 -0.03 7.98
N GLY A 274 -2.73 -0.91 8.47
CA GLY A 274 -2.28 -2.19 8.97
C GLY A 274 -3.17 -3.38 8.59
N LEU A 275 -2.62 -4.57 8.75
CA LEU A 275 -3.35 -5.81 8.50
C LEU A 275 -4.16 -6.14 9.73
N PRO A 276 -5.47 -6.36 9.56
CA PRO A 276 -6.28 -6.81 10.71
C PRO A 276 -5.69 -8.02 11.46
N SER A 277 -5.16 -8.98 10.72
CA SER A 277 -4.57 -10.20 11.31
C SER A 277 -3.42 -9.89 12.28
N GLU A 278 -2.59 -8.91 11.93
CA GLU A 278 -1.45 -8.52 12.75
C GLU A 278 -1.81 -7.55 13.89
N MSE A 279 -2.82 -6.71 13.66
CA MSE A 279 -3.10 -5.64 14.59
C MSE A 279 -4.20 -5.97 15.58
O MSE A 279 -4.41 -5.21 16.51
CB MSE A 279 -3.48 -4.36 13.83
CG MSE A 279 -2.33 -3.75 13.07
SE MSE A 279 -0.96 -3.14 14.32
CE MSE A 279 -2.00 -1.74 15.23
H MSE A 279 -3.34 -6.74 12.98
HA MSE A 279 -2.28 -5.45 15.10
HB2 MSE A 279 -4.17 -4.58 13.19
HB3 MSE A 279 -3.80 -3.70 14.47
HG2 MSE A 279 -1.94 -4.42 12.49
HG3 MSE A 279 -2.65 -3.00 12.56
HE1 MSE A 279 -1.45 -1.32 15.90
HE2 MSE A 279 -2.29 -1.08 14.58
HE3 MSE A 279 -2.77 -2.14 15.65
N ALA A 280 -4.89 -7.09 15.39
CA ALA A 280 -6.07 -7.42 16.20
C ALA A 280 -5.83 -7.25 17.71
N ASP A 281 -4.72 -7.75 18.20
CA ASP A 281 -4.51 -7.74 19.66
C ASP A 281 -4.07 -6.36 20.17
N TYR A 282 -3.78 -5.41 19.27
CA TYR A 282 -3.35 -4.09 19.67
C TYR A 282 -4.44 -3.06 19.55
N ILE A 283 -5.59 -3.48 19.04
CA ILE A 283 -6.68 -2.56 18.80
C ILE A 283 -7.66 -2.58 19.96
N GLY A 284 -7.96 -1.41 20.48
CA GLY A 284 -8.86 -1.25 21.62
C GLY A 284 -9.00 0.21 21.99
N ASP A 285 -10.14 0.55 22.60
CA ASP A 285 -10.38 1.91 23.03
C ASP A 285 -10.24 1.98 24.55
N ASP A 286 -9.03 1.76 25.05
CA ASP A 286 -8.75 1.80 26.48
C ASP A 286 -7.27 2.01 26.68
N ASP A 287 -6.85 2.06 27.95
CA ASP A 287 -5.46 2.38 28.27
C ASP A 287 -4.50 1.25 28.01
N GLN A 288 -5.01 0.08 27.65
CA GLN A 288 -4.14 -1.06 27.46
C GLN A 288 -3.85 -1.37 25.98
N HIS A 289 -4.42 -0.60 25.07
CA HIS A 289 -4.21 -0.84 23.65
C HIS A 289 -3.79 0.46 23.00
N SER A 290 -2.75 0.43 22.19
CA SER A 290 -2.24 1.67 21.60
C SER A 290 -3.04 2.15 20.41
N CYS A 291 -3.79 1.26 19.76
CA CYS A 291 -4.44 1.63 18.51
C CYS A 291 -5.96 1.59 18.59
N PRO A 292 -6.59 2.77 18.64
CA PRO A 292 -8.05 2.81 18.74
C PRO A 292 -8.71 2.38 17.46
N TYR A 293 -8.03 2.61 16.34
CA TYR A 293 -8.51 2.20 15.02
C TYR A 293 -7.47 2.54 13.98
N MSE A 294 -7.59 1.87 12.85
CA MSE A 294 -6.67 2.09 11.73
C MSE A 294 -7.43 1.77 10.44
O MSE A 294 -8.64 1.52 10.47
CB MSE A 294 -5.42 1.24 11.91
CG MSE A 294 -5.67 -0.22 12.10
SE MSE A 294 -5.79 -1.12 10.38
CE MSE A 294 -5.87 -3.01 11.04
H MSE A 294 -8.20 1.27 12.70
HA MSE A 294 -6.40 3.03 11.72
HB2 MSE A 294 -4.87 1.34 11.11
HB3 MSE A 294 -4.93 1.57 12.68
HG2 MSE A 294 -4.94 -0.61 12.60
HG3 MSE A 294 -6.51 -0.34 12.57
HE1 MSE A 294 -5.94 -3.61 10.29
HE2 MSE A 294 -5.08 -3.20 11.55
HE3 MSE A 294 -6.65 -3.11 11.60
N PHE A 295 -6.74 1.83 9.31
CA PHE A 295 -7.40 1.64 8.02
C PHE A 295 -6.62 0.72 7.11
N LEU A 296 -7.33 0.07 6.21
CA LEU A 296 -6.66 -0.58 5.09
C LEU A 296 -7.70 -0.77 3.98
N TRP A 297 -7.64 -1.92 3.33
CA TRP A 297 -8.37 -2.28 2.12
C TRP A 297 -8.00 -3.74 1.95
N ASN A 298 -8.64 -4.44 1.02
CA ASN A 298 -8.37 -5.86 0.89
C ASN A 298 -7.21 -6.10 -0.08
N PRO A 299 -6.04 -6.53 0.45
CA PRO A 299 -4.88 -6.70 -0.43
C PRO A 299 -5.05 -7.84 -1.43
N ILE A 300 -5.85 -8.82 -1.06
CA ILE A 300 -6.14 -9.94 -1.96
C ILE A 300 -6.93 -9.42 -3.17
N GLN A 301 -7.95 -8.62 -2.89
CA GLN A 301 -8.74 -8.03 -3.96
C GLN A 301 -7.95 -7.02 -4.77
N LEU A 302 -6.98 -6.34 -4.15
CA LEU A 302 -6.10 -5.44 -4.90
C LEU A 302 -5.37 -6.30 -5.92
N GLY A 303 -4.88 -7.45 -5.46
CA GLY A 303 -4.22 -8.37 -6.37
C GLY A 303 -5.16 -8.90 -7.42
N ASN A 304 -6.39 -9.27 -7.01
CA ASN A 304 -7.40 -9.74 -7.96
C ASN A 304 -7.61 -8.72 -9.07
N LEU A 305 -7.83 -7.46 -8.70
CA LEU A 305 -8.20 -6.44 -9.68
C LEU A 305 -7.03 -6.18 -10.61
N ALA A 306 -5.83 -6.14 -10.06
CA ALA A 306 -4.64 -5.97 -10.87
C ALA A 306 -4.50 -7.10 -11.87
N ALA A 307 -4.89 -8.32 -11.47
CA ALA A 307 -4.86 -9.45 -12.39
C ALA A 307 -5.91 -9.28 -13.49
N TYR A 308 -7.14 -8.90 -13.13
CA TYR A 308 -8.16 -8.69 -14.17
C TYR A 308 -7.71 -7.63 -15.17
N ALA A 309 -7.10 -6.56 -14.65
CA ALA A 309 -6.65 -5.46 -15.50
C ALA A 309 -5.47 -5.90 -16.37
N SER A 310 -4.59 -6.73 -15.81
CA SER A 310 -3.48 -7.28 -16.56
C SER A 310 -3.98 -8.12 -17.74
N ILE A 311 -4.94 -9.00 -17.46
CA ILE A 311 -5.51 -9.84 -18.51
C ILE A 311 -6.16 -8.97 -19.56
N SER A 312 -6.79 -7.89 -19.12
CA SER A 312 -7.49 -6.98 -20.06
C SER A 312 -6.51 -6.27 -20.98
N LEU A 313 -5.36 -5.85 -20.45
CA LEU A 313 -4.27 -5.34 -21.28
C LEU A 313 -3.75 -6.38 -22.29
N VAL A 314 -3.53 -7.61 -21.83
CA VAL A 314 -3.00 -8.64 -22.72
C VAL A 314 -4.00 -9.00 -23.82
N ASN A 315 -5.27 -9.05 -23.47
CA ASN A 315 -6.30 -9.42 -24.43
C ASN A 315 -6.78 -8.23 -25.25
N GLY A 316 -6.32 -7.04 -24.89
CA GLY A 316 -6.59 -5.83 -25.65
C GLY A 316 -7.95 -5.22 -25.38
N THR A 317 -8.61 -5.65 -24.32
CA THR A 317 -9.92 -5.14 -23.91
C THR A 317 -9.80 -3.70 -23.37
N ILE A 318 -8.64 -3.38 -22.82
CA ILE A 318 -8.30 -2.02 -22.41
C ILE A 318 -6.86 -1.79 -22.83
N THR A 319 -6.47 -0.51 -22.84
CA THR A 319 -5.10 -0.13 -23.14
C THR A 319 -4.50 0.72 -22.01
N GLY A 320 -5.34 1.11 -21.06
CA GLY A 320 -4.89 1.93 -19.94
C GLY A 320 -5.33 3.38 -20.06
N ALA A 321 -5.92 3.74 -21.20
CA ALA A 321 -6.31 5.10 -21.44
C ALA A 321 -7.48 5.51 -20.54
N ALA A 322 -7.48 6.76 -20.11
CA ALA A 322 -8.60 7.31 -19.37
C ALA A 322 -9.94 7.10 -20.08
N ASP A 323 -10.97 6.89 -19.28
CA ASP A 323 -12.36 6.77 -19.74
C ASP A 323 -12.72 5.39 -20.32
N GLN A 324 -11.74 4.50 -20.38
CA GLN A 324 -12.04 3.11 -20.70
C GLN A 324 -12.70 2.44 -19.51
N SER A 325 -13.52 1.44 -19.79
CA SER A 325 -14.19 0.68 -18.76
C SER A 325 -14.04 -0.81 -18.98
N PHE A 326 -14.02 -1.55 -17.89
CA PHE A 326 -14.10 -3.00 -17.96
C PHE A 326 -14.91 -3.51 -16.79
N THR A 327 -15.48 -4.69 -16.98
CA THR A 327 -16.28 -5.34 -15.97
C THR A 327 -15.62 -6.68 -15.67
N VAL A 328 -15.32 -6.91 -14.40
CA VAL A 328 -14.71 -8.15 -14.00
C VAL A 328 -15.79 -9.11 -13.52
N PRO A 329 -15.53 -10.43 -13.61
CA PRO A 329 -16.46 -11.47 -13.19
C PRO A 329 -16.94 -11.27 -11.77
N ASP A 330 -16.12 -10.61 -10.98
CA ASP A 330 -16.34 -10.46 -9.56
C ASP A 330 -17.17 -9.21 -9.27
N LYS A 331 -18.48 -9.39 -9.07
CA LYS A 331 -19.39 -8.23 -8.99
C LYS A 331 -19.36 -7.52 -7.64
N THR A 332 -18.46 -7.93 -6.75
CA THR A 332 -18.28 -7.23 -5.49
C THR A 332 -17.29 -6.09 -5.65
N LEU A 333 -16.47 -6.17 -6.70
CA LEU A 333 -15.54 -5.10 -7.02
C LEU A 333 -16.23 -4.04 -7.88
N GLY A 334 -15.88 -2.78 -7.65
CA GLY A 334 -16.35 -1.68 -8.48
C GLY A 334 -17.84 -1.44 -8.38
N ASP A 335 -18.41 -1.00 -9.48
CA ASP A 335 -19.86 -0.83 -9.61
C ASP A 335 -20.42 -2.09 -10.27
N ASN A 336 -20.87 -3.03 -9.44
CA ASN A 336 -21.28 -4.35 -9.92
C ASN A 336 -20.26 -4.90 -10.92
N GLY A 337 -18.99 -4.94 -10.50
CA GLY A 337 -17.92 -5.48 -11.32
C GLY A 337 -17.30 -4.45 -12.25
N SER A 338 -17.97 -3.32 -12.42
CA SER A 338 -17.49 -2.33 -13.39
C SER A 338 -16.53 -1.26 -12.82
N TYR A 339 -15.48 -0.99 -13.60
CA TYR A 339 -14.49 0.03 -13.26
C TYR A 339 -14.24 0.94 -14.44
N LYS A 340 -13.90 2.18 -14.15
CA LYS A 340 -13.49 3.15 -15.17
C LYS A 340 -12.07 3.62 -14.88
N ILE A 341 -11.29 3.77 -15.93
CA ILE A 341 -9.93 4.28 -15.80
C ILE A 341 -10.00 5.80 -15.74
N THR A 342 -9.33 6.38 -14.76
CA THR A 342 -9.39 7.82 -14.56
C THR A 342 -8.00 8.41 -14.67
N ALA A 343 -7.96 9.72 -14.93
CA ALA A 343 -6.71 10.45 -14.97
C ALA A 343 -6.13 10.48 -13.56
N ALA A 344 -4.82 10.26 -13.45
CA ALA A 344 -4.18 10.24 -12.13
C ALA A 344 -3.36 11.50 -11.94
N ALA A 345 -3.17 11.89 -10.68
CA ALA A 345 -2.47 13.13 -10.33
C ALA A 345 -1.03 13.11 -10.83
N ASP A 346 -0.41 11.94 -10.92
CA ASP A 346 0.97 11.87 -11.42
C ASP A 346 1.05 11.98 -12.96
N GLY A 347 -0.07 12.24 -13.62
CA GLY A 347 -0.06 12.43 -15.07
C GLY A 347 -0.34 11.17 -15.85
N GLY A 348 -0.38 10.04 -15.14
CA GLY A 348 -0.74 8.80 -15.75
C GLY A 348 -2.22 8.54 -15.61
N THR A 349 -2.58 7.27 -15.59
CA THR A 349 -3.95 6.86 -15.39
C THR A 349 -3.95 5.86 -14.26
N GLU A 350 -5.13 5.64 -13.69
CA GLU A 350 -5.27 4.72 -12.60
C GLU A 350 -6.69 4.15 -12.53
N ILE A 351 -6.78 3.01 -11.89
CA ILE A 351 -8.02 2.35 -11.54
C ILE A 351 -8.02 2.30 -10.01
N ILE A 352 -9.10 2.75 -9.38
CA ILE A 352 -9.17 2.80 -7.94
C ILE A 352 -10.03 1.66 -7.42
N LEU A 353 -9.44 0.77 -6.62
CA LEU A 353 -10.09 -0.43 -6.13
C LEU A 353 -11.37 -0.15 -5.37
N GLY A 354 -11.30 0.79 -4.43
CA GLY A 354 -12.39 1.05 -3.51
C GLY A 354 -12.01 2.14 -2.54
N ALA A 355 -12.85 2.37 -1.54
CA ALA A 355 -12.55 3.34 -0.49
C ALA A 355 -11.70 2.67 0.56
N PRO A 356 -11.01 3.48 1.37
CA PRO A 356 -10.39 2.87 2.56
C PRO A 356 -11.45 2.30 3.49
N PHE A 357 -11.07 1.31 4.25
CA PHE A 357 -11.93 0.66 5.25
C PHE A 357 -11.37 0.84 6.63
N LYS A 358 -12.22 1.27 7.56
CA LYS A 358 -11.82 1.49 8.95
C LYS A 358 -11.97 0.21 9.78
N PHE A 359 -10.87 -0.21 10.41
CA PHE A 359 -10.84 -1.33 11.32
C PHE A 359 -10.78 -0.80 12.74
N GLU A 360 -11.73 -1.22 13.55
CA GLU A 360 -11.89 -0.68 14.88
C GLU A 360 -12.40 -1.79 15.79
N PRO A 361 -12.50 -1.54 17.10
CA PRO A 361 -12.93 -2.62 17.99
C PRO A 361 -14.23 -3.32 17.58
N SER A 362 -15.14 -2.57 16.98
CA SER A 362 -16.44 -3.16 16.64
C SER A 362 -16.39 -4.14 15.46
N ASN A 363 -15.29 -4.19 14.71
CA ASN A 363 -15.22 -5.08 13.56
C ASN A 363 -13.89 -5.78 13.36
N ILE A 364 -12.94 -5.60 14.27
CA ILE A 364 -11.58 -6.06 13.98
C ILE A 364 -11.46 -7.59 13.96
N ALA A 365 -12.11 -8.27 14.88
CA ALA A 365 -11.86 -9.70 15.02
C ALA A 365 -12.33 -10.48 13.79
N GLU A 366 -13.48 -10.10 13.23
CA GLU A 366 -14.01 -10.84 12.06
C GLU A 366 -13.09 -10.68 10.85
N TRP A 367 -12.47 -9.50 10.71
CA TRP A 367 -11.62 -9.24 9.57
C TRP A 367 -10.23 -9.83 9.72
N ALA A 368 -9.83 -10.12 10.97
CA ALA A 368 -8.49 -10.62 11.25
C ALA A 368 -8.30 -12.01 10.64
N LYS A 369 -9.41 -12.69 10.36
CA LYS A 369 -9.33 -13.99 9.71
C LYS A 369 -9.30 -13.91 8.19
N VAL A 370 -9.46 -12.71 7.64
CA VAL A 370 -9.50 -12.53 6.19
C VAL A 370 -8.12 -12.11 5.66
N TYR A 371 -7.50 -11.13 6.31
CA TYR A 371 -6.13 -10.76 5.95
C TYR A 371 -5.45 -10.03 7.10
C1 RAM B . 3.18 -2.15 3.37
C2 RAM B . 3.68 -1.83 1.97
C3 RAM B . 2.55 -1.56 0.99
C4 RAM B . 1.52 -0.59 1.57
C5 RAM B . 1.09 -1.07 2.96
C6 RAM B . 0.15 -0.07 3.62
O1 RAM B . 2.61 -3.42 3.35
O2 RAM B . 4.50 -0.71 2.11
O3 RAM B . 3.14 -1.08 -0.22
O4 RAM B . 0.41 -0.50 0.71
O5 RAM B . 2.19 -1.24 3.80
H1 RAM B . 4.02 -2.14 4.07
H2 RAM B . 4.28 -2.67 1.62
H3 RAM B . 2.04 -2.51 0.79
H4 RAM B . 1.99 0.38 1.67
H5 RAM B . 0.55 -2.01 2.85
H61 RAM B . 0.59 0.28 4.56
H62 RAM B . -0.81 -0.55 3.83
H63 RAM B . -0.02 0.79 2.95
HO1 RAM B . 2.66 -3.79 2.45
HO2 RAM B . 4.53 -0.44 3.05
HO3 RAM B . 4.11 -1.04 -0.11
HO4 RAM B . 0.54 -1.08 -0.07
C1 EDO C . 0.02 11.31 -6.64
O1 EDO C . 1.28 11.54 -7.27
C2 EDO C . -0.30 12.28 -5.49
O2 EDO C . 0.87 12.78 -4.81
H11 EDO C . 0.01 10.28 -6.25
H12 EDO C . -0.76 11.38 -7.39
HO1 EDO C . 1.41 10.89 -7.98
H21 EDO C . -0.94 11.77 -4.76
H22 EDO C . -0.86 13.12 -5.89
HO2 EDO C . 0.59 13.38 -4.10
C1 EDO D . -12.63 -4.52 3.52
O1 EDO D . -11.76 -5.35 2.75
C2 EDO D . -13.56 -3.80 2.56
O2 EDO D . -12.76 -2.95 1.73
H11 EDO D . -12.04 -3.79 4.09
H12 EDO D . -13.21 -5.12 4.23
HO1 EDO D . -11.15 -5.81 3.35
H21 EDO D . -14.29 -3.20 3.11
H22 EDO D . -14.11 -4.53 1.95
HO2 EDO D . -13.32 -2.49 1.10
#